data_4G2O
#
_entry.id   4G2O
#
_cell.length_a   95.727
_cell.length_b   95.727
_cell.length_c   80.414
_cell.angle_alpha   90.00
_cell.angle_beta   90.00
_cell.angle_gamma   120.00
#
_symmetry.space_group_name_H-M   'P 31 2 1'
#
loop_
_entity.id
_entity.type
_entity.pdbx_description
1 polymer 'Thymidylate synthase'
2 non-polymer 2,3,4,6-tetrahydroxy-5H-benzo[7]annulen-5-one
3 non-polymer 'SULFATE ION'
4 water water
#
_entity_poly.entity_id   1
_entity_poly.type   'polypeptide(L)'
_entity_poly.pdbx_seq_one_letter_code
;MPVAGSELPRRPLPPAAQERDAEPRPPHGELQYLGQIQHILRCGVRKDDRTGTGTLSVFGMQARYSLRDEFPLLTTKRVF
WKGVLEELLWFIKGSTNAKELSSKGVKIWDANGSRDFLDSLGFSTREEGDLGPVYGFQWRHFGAEYRDMESDYSGQGVDQ
LQRVIDTIKTNPDDRRIIM(CME)AWNPRDLPLKALPP(CSD)HALCQFYVVNSELSCQLYQRSGDMGLGVPFNIASYAL
LTYMIAHITGLKPGDFIHTLGDAHIYLNHIEPLKIQLQREPRPFPKLRILRKVEKIDDFKAEDFQIEGYNPHPTIKMEMA
V
;
_entity_poly.pdbx_strand_id   X
#
loop_
_chem_comp.id
_chem_comp.type
_chem_comp.name
_chem_comp.formula
SO4 non-polymer 'SULFATE ION' 'O4 S -2'
TIY non-polymer 2,3,4,6-tetrahydroxy-5H-benzo[7]annulen-5-one 'C11 H8 O5'
#
# COMPACT_ATOMS: atom_id res chain seq x y z
N PRO A 27 -6.57 -3.50 22.59
CA PRO A 27 -6.70 -4.09 21.24
C PRO A 27 -5.35 -4.20 20.55
N HIS A 28 -5.06 -5.38 20.00
CA HIS A 28 -3.79 -5.60 19.25
C HIS A 28 -3.93 -6.59 18.06
N GLY A 29 -2.96 -6.56 17.14
CA GLY A 29 -3.05 -7.35 15.95
C GLY A 29 -4.26 -6.95 15.11
N GLU A 30 -4.82 -7.94 14.44
CA GLU A 30 -6.01 -7.79 13.60
C GLU A 30 -7.19 -7.31 14.41
N LEU A 31 -7.15 -7.53 15.73
CA LEU A 31 -8.13 -6.94 16.61
C LEU A 31 -8.28 -5.45 16.52
N GLN A 32 -7.24 -4.75 16.11
CA GLN A 32 -7.42 -3.30 15.95
C GLN A 32 -8.30 -3.01 14.78
N TYR A 33 -8.02 -3.64 13.65
CA TYR A 33 -8.79 -3.50 12.44
C TYR A 33 -10.29 -3.82 12.68
N LEU A 34 -10.53 -4.91 13.43
CA LEU A 34 -11.93 -5.31 13.74
C LEU A 34 -12.59 -4.31 14.64
N GLY A 35 -11.82 -3.74 15.60
CA GLY A 35 -12.41 -2.74 16.51
C GLY A 35 -12.76 -1.48 15.75
N GLN A 36 -11.92 -1.16 14.76
CA GLN A 36 -12.13 0.02 13.89
C GLN A 36 -13.35 -0.19 13.00
N ILE A 37 -13.49 -1.36 12.37
CA ILE A 37 -14.80 -1.64 11.67
C ILE A 37 -16.03 -1.46 12.63
N GLN A 38 -15.95 -2.05 13.81
CA GLN A 38 -17.09 -1.94 14.76
C GLN A 38 -17.37 -0.48 15.06
N HIS A 39 -16.29 0.27 15.33
CA HIS A 39 -16.45 1.66 15.74
C HIS A 39 -17.06 2.44 14.61
N ILE A 40 -16.69 2.15 13.37
CA ILE A 40 -17.31 2.94 12.28
C ILE A 40 -18.81 2.55 12.16
N LEU A 41 -19.08 1.26 12.30
CA LEU A 41 -20.49 0.79 12.25
C LEU A 41 -21.36 1.47 13.32
N ARG A 42 -20.90 1.43 14.58
CA ARG A 42 -21.55 2.08 15.71
C ARG A 42 -21.50 3.61 15.67
N CYS A 43 -20.36 4.21 15.40
CA CYS A 43 -20.27 5.69 15.49
C CYS A 43 -20.02 6.47 14.22
N GLY A 44 -19.87 5.77 13.10
CA GLY A 44 -19.72 6.46 11.82
C GLY A 44 -20.92 7.34 11.48
N VAL A 45 -20.65 8.38 10.71
CA VAL A 45 -21.63 9.36 10.27
C VAL A 45 -21.76 9.20 8.76
N ARG A 46 -22.98 9.38 8.26
CA ARG A 46 -23.18 9.14 6.84
C ARG A 46 -22.61 10.25 6.00
N LYS A 47 -21.83 9.90 4.98
CA LYS A 47 -21.08 10.90 4.20
C LYS A 47 -20.89 10.33 2.81
N ASP A 48 -21.17 11.12 1.78
CA ASP A 48 -21.06 10.67 0.37
C ASP A 48 -19.67 10.94 -0.23
N ASP A 49 -19.20 10.06 -1.09
CA ASP A 49 -17.88 10.27 -1.70
C ASP A 49 -18.07 10.91 -3.05
N ARG A 50 -17.03 10.91 -3.87
CA ARG A 50 -17.08 11.58 -5.19
C ARG A 50 -18.08 10.98 -6.19
N THR A 51 -18.22 9.64 -6.23
CA THR A 51 -19.28 9.00 -7.03
C THR A 51 -20.64 9.64 -6.68
N GLY A 52 -20.96 9.67 -5.38
CA GLY A 52 -22.25 10.13 -4.87
C GLY A 52 -22.79 9.00 -3.99
N THR A 53 -22.09 7.85 -4.01
CA THR A 53 -22.44 6.69 -3.17
C THR A 53 -22.05 6.87 -1.68
N GLY A 54 -22.63 6.03 -0.83
CA GLY A 54 -22.74 6.41 0.57
C GLY A 54 -21.71 5.68 1.38
N THR A 55 -21.24 6.30 2.45
CA THR A 55 -20.32 5.60 3.34
C THR A 55 -20.79 5.95 4.73
N LEU A 56 -20.45 5.09 5.69
CA LEU A 56 -20.32 5.51 7.08
C LEU A 56 -18.83 5.98 7.29
N SER A 57 -18.63 7.12 7.90
CA SER A 57 -17.26 7.70 7.93
C SER A 57 -16.88 8.12 9.34
N VAL A 58 -15.58 7.99 9.63
CA VAL A 58 -14.97 8.52 10.85
C VAL A 58 -13.64 9.20 10.44
N PHE A 59 -13.34 10.38 10.98
CA PHE A 59 -12.07 11.05 10.69
C PHE A 59 -11.00 10.80 11.73
N GLY A 60 -9.88 10.21 11.31
CA GLY A 60 -8.73 10.02 12.21
C GLY A 60 -8.68 8.69 12.93
N MET A 61 -7.76 7.79 12.58
CA MET A 61 -7.67 6.51 13.21
C MET A 61 -6.24 6.03 13.05
N GLN A 62 -5.81 5.06 13.87
CA GLN A 62 -4.49 4.56 13.70
C GLN A 62 -4.48 3.20 14.30
N ALA A 63 -3.57 2.38 13.80
CA ALA A 63 -3.44 1.04 14.29
C ALA A 63 -1.95 0.73 14.10
N ARG A 64 -1.42 -0.16 14.90
CA ARG A 64 -0.01 -0.58 14.78
C ARG A 64 0.05 -2.10 14.63
N TYR A 65 0.87 -2.60 13.74
CA TYR A 65 0.97 -4.05 13.52
C TYR A 65 2.45 -4.37 13.57
N SER A 66 2.80 -5.24 14.50
CA SER A 66 4.17 -5.65 14.65
C SER A 66 4.55 -6.47 13.44
N LEU A 67 5.75 -6.24 12.92
CA LEU A 67 6.33 -7.01 11.83
C LEU A 67 7.43 -7.98 12.31
N ARG A 68 7.54 -8.18 13.62
CA ARG A 68 8.67 -8.99 14.13
C ARG A 68 8.30 -10.47 14.13
N ASP A 69 8.88 -11.22 13.19
CA ASP A 69 8.64 -12.66 13.18
C ASP A 69 7.19 -13.01 12.78
N GLU A 70 6.46 -12.06 12.17
CA GLU A 70 5.08 -12.26 11.64
C GLU A 70 4.77 -11.17 10.56
N PHE A 71 3.78 -11.44 9.70
CA PHE A 71 3.40 -10.55 8.62
C PHE A 71 1.88 -10.32 8.62
N PRO A 72 1.45 -9.02 8.63
CA PRO A 72 0.06 -8.69 8.95
C PRO A 72 -0.85 -8.89 7.74
N LEU A 73 -0.88 -10.12 7.20
CA LEU A 73 -1.83 -10.47 6.14
C LEU A 73 -3.14 -10.90 6.88
N LEU A 74 -4.19 -10.11 6.79
CA LEU A 74 -5.39 -10.36 7.63
C LEU A 74 -5.91 -11.80 7.49
N THR A 75 -6.38 -12.34 8.61
CA THR A 75 -6.84 -13.72 8.69
C THR A 75 -8.35 -13.88 8.73
N THR A 76 -9.09 -12.79 8.97
CA THR A 76 -10.53 -12.93 9.06
C THR A 76 -11.30 -12.97 7.72
N LYS A 77 -10.61 -12.70 6.62
CA LYS A 77 -11.04 -13.11 5.28
C LYS A 77 -9.71 -13.34 4.56
N ARG A 78 -9.71 -14.16 3.50
CA ARG A 78 -8.50 -14.37 2.71
C ARG A 78 -8.16 -13.12 1.88
N VAL A 79 -6.89 -12.64 2.01
CA VAL A 79 -6.45 -11.46 1.25
C VAL A 79 -5.69 -11.89 -0.02
N PHE A 80 -5.94 -11.24 -1.15
CA PHE A 80 -5.31 -11.64 -2.42
C PHE A 80 -3.76 -11.32 -2.43
N TRP A 81 -3.01 -12.20 -1.79
CA TRP A 81 -1.61 -11.98 -1.51
C TRP A 81 -0.82 -11.75 -2.78
N LYS A 82 -0.98 -12.65 -3.78
CA LYS A 82 -0.29 -12.50 -5.10
C LYS A 82 -0.59 -11.19 -5.78
N GLY A 83 -1.82 -10.70 -5.68
CA GLY A 83 -2.09 -9.37 -6.23
C GLY A 83 -1.32 -8.30 -5.46
N VAL A 84 -1.14 -8.52 -4.16
CA VAL A 84 -0.49 -7.51 -3.37
C VAL A 84 0.98 -7.35 -3.87
N LEU A 85 1.66 -8.48 -3.94
CA LEU A 85 3.03 -8.59 -4.43
C LEU A 85 3.23 -8.06 -5.83
N GLU A 86 2.40 -8.51 -6.79
CA GLU A 86 2.69 -8.20 -8.16
C GLU A 86 2.47 -6.72 -8.37
N GLU A 87 1.50 -6.15 -7.68
CA GLU A 87 1.23 -4.74 -7.92
C GLU A 87 2.35 -3.89 -7.30
N LEU A 88 2.88 -4.35 -6.16
CA LEU A 88 3.99 -3.65 -5.51
C LEU A 88 5.25 -3.69 -6.43
N LEU A 89 5.51 -4.84 -7.05
CA LEU A 89 6.62 -4.99 -7.97
C LEU A 89 6.50 -4.08 -9.20
N TRP A 90 5.31 -3.96 -9.74
CA TRP A 90 5.03 -3.07 -10.87
C TRP A 90 5.20 -1.58 -10.43
N PHE A 91 4.76 -1.29 -9.21
CA PHE A 91 4.86 0.04 -8.64
C PHE A 91 6.35 0.40 -8.52
N ILE A 92 7.13 -0.51 -7.93
CA ILE A 92 8.55 -0.31 -7.73
C ILE A 92 9.37 -0.08 -9.01
N LYS A 93 8.96 -0.75 -10.11
CA LYS A 93 9.50 -0.62 -11.44
C LYS A 93 9.16 0.74 -11.99
N GLY A 94 8.13 1.34 -11.41
CA GLY A 94 7.65 2.64 -11.88
C GLY A 94 6.98 2.49 -13.22
N SER A 95 6.32 1.35 -13.45
CA SER A 95 5.67 1.11 -14.75
C SER A 95 4.44 2.00 -14.90
N THR A 96 4.23 2.46 -16.13
CA THR A 96 3.00 3.16 -16.52
C THR A 96 2.30 2.39 -17.69
N ASN A 97 2.70 1.13 -17.88
CA ASN A 97 2.07 0.21 -18.85
C ASN A 97 1.03 -0.65 -18.14
N ALA A 98 -0.24 -0.34 -18.32
CA ALA A 98 -1.36 -1.10 -17.70
C ALA A 98 -1.26 -2.61 -17.89
N LYS A 99 -0.87 -3.02 -19.12
CA LYS A 99 -0.85 -4.44 -19.54
C LYS A 99 0.23 -5.27 -18.84
N GLU A 100 1.23 -4.58 -18.29
CA GLU A 100 2.30 -5.22 -17.48
C GLU A 100 1.78 -5.72 -16.13
N LEU A 101 0.67 -5.14 -15.66
CA LEU A 101 -0.04 -5.65 -14.48
C LEU A 101 -1.22 -6.58 -14.84
N SER A 102 -1.92 -6.31 -15.96
CA SER A 102 -3.01 -7.17 -16.49
C SER A 102 -2.55 -8.60 -16.80
N SER A 103 -1.32 -8.71 -17.31
CA SER A 103 -0.70 -10.01 -17.63
C SER A 103 -0.15 -10.79 -16.40
N LYS A 104 -0.01 -10.10 -15.27
CA LYS A 104 0.21 -10.79 -13.98
C LYS A 104 -1.14 -11.36 -13.52
N GLY A 105 -2.24 -10.73 -14.00
CA GLY A 105 -3.62 -11.17 -13.73
C GLY A 105 -4.22 -10.54 -12.48
N VAL A 106 -4.17 -9.20 -12.40
CA VAL A 106 -4.60 -8.48 -11.21
C VAL A 106 -5.67 -7.40 -11.51
N LEU A 118 -12.91 7.71 -14.38
CA LEU A 118 -12.70 9.17 -14.41
C LEU A 118 -11.22 9.60 -14.50
N ASP A 119 -10.40 8.72 -15.04
CA ASP A 119 -9.02 9.00 -15.40
C ASP A 119 -9.00 8.74 -16.93
N SER A 120 -9.59 9.70 -17.67
CA SER A 120 -9.91 9.64 -19.11
C SER A 120 -8.67 9.70 -20.01
N LEU A 121 -8.14 10.92 -20.12
CA LEU A 121 -7.19 11.45 -21.13
C LEU A 121 -6.39 10.53 -22.07
N GLY A 122 -6.22 11.00 -23.31
CA GLY A 122 -5.48 10.29 -24.37
C GLY A 122 -6.41 9.40 -25.17
N PHE A 123 -5.95 8.96 -26.35
CA PHE A 123 -6.79 8.27 -27.37
C PHE A 123 -6.23 6.90 -27.79
N SER A 124 -5.18 6.95 -28.61
CA SER A 124 -4.47 5.74 -29.05
C SER A 124 -3.58 5.19 -27.93
N THR A 125 -3.26 6.08 -26.97
CA THR A 125 -2.45 5.78 -25.78
C THR A 125 -3.23 4.96 -24.72
N ARG A 126 -4.51 5.27 -24.58
CA ARG A 126 -5.51 4.48 -23.85
C ARG A 126 -5.67 3.02 -24.36
N GLU A 127 -5.75 2.83 -25.69
CA GLU A 127 -5.85 1.48 -26.32
C GLU A 127 -4.55 0.68 -26.09
N GLU A 128 -3.43 1.27 -26.55
CA GLU A 128 -2.03 0.92 -26.21
C GLU A 128 -1.82 0.50 -24.72
N GLY A 129 -2.46 1.21 -23.78
CA GLY A 129 -2.41 0.89 -22.34
C GLY A 129 -1.49 1.81 -21.55
N ASP A 130 -1.04 2.89 -22.19
CA ASP A 130 -0.18 3.89 -21.59
C ASP A 130 -1.02 4.69 -20.57
N LEU A 131 -0.60 4.67 -19.29
CA LEU A 131 -1.41 5.28 -18.22
C LEU A 131 -1.10 6.75 -17.97
N GLY A 132 0.05 7.21 -18.47
CA GLY A 132 0.50 8.56 -18.20
C GLY A 132 1.47 8.52 -17.04
N PRO A 133 2.05 9.68 -16.69
CA PRO A 133 3.02 9.74 -15.57
C PRO A 133 2.34 9.52 -14.20
N VAL A 134 1.89 8.30 -13.94
CA VAL A 134 1.03 7.99 -12.77
C VAL A 134 1.60 6.79 -11.94
N TYR A 135 1.10 6.62 -10.70
CA TYR A 135 1.49 5.52 -9.78
C TYR A 135 2.99 5.51 -9.55
N GLY A 136 3.62 4.33 -9.68
CA GLY A 136 5.06 4.17 -9.53
C GLY A 136 5.95 5.14 -10.29
N PHE A 137 5.44 5.73 -11.37
CA PHE A 137 6.19 6.78 -12.02
C PHE A 137 6.50 7.93 -11.02
N GLN A 138 5.67 8.09 -10.00
CA GLN A 138 5.92 9.11 -9.00
C GLN A 138 6.94 8.75 -7.93
N TRP A 139 7.07 7.48 -7.65
CA TRP A 139 8.01 6.97 -6.69
C TRP A 139 9.37 6.97 -7.26
N ARG A 140 9.54 6.66 -8.54
CA ARG A 140 10.85 6.56 -9.16
C ARG A 140 11.24 7.72 -10.03
N HIS A 141 10.27 8.64 -10.55
CA HIS A 141 10.60 9.70 -11.44
C HIS A 141 9.74 10.88 -11.17
N PHE A 142 9.60 11.22 -9.91
CA PHE A 142 8.69 12.29 -9.59
C PHE A 142 9.08 13.55 -10.36
N GLY A 143 8.13 14.05 -11.15
CA GLY A 143 8.20 15.38 -11.79
C GLY A 143 9.06 15.43 -13.05
N ALA A 144 9.30 14.25 -13.64
CA ALA A 144 10.02 14.14 -14.89
C ALA A 144 9.04 14.41 -16.01
N GLU A 145 9.59 14.87 -17.13
CA GLU A 145 8.83 15.11 -18.34
C GLU A 145 8.37 13.77 -18.91
N TYR A 146 7.08 13.58 -19.06
CA TYR A 146 6.58 12.34 -19.63
C TYR A 146 6.60 12.27 -21.19
N ARG A 147 7.19 11.18 -21.74
CA ARG A 147 7.13 10.86 -23.19
C ARG A 147 6.04 9.80 -23.44
N ASP A 148 6.45 8.53 -23.54
CA ASP A 148 5.53 7.37 -23.53
C ASP A 148 6.04 6.28 -22.54
N MET A 149 5.30 5.18 -22.45
CA MET A 149 5.55 4.14 -21.46
C MET A 149 6.66 3.15 -21.85
N GLU A 150 7.23 3.29 -23.05
CA GLU A 150 8.37 2.45 -23.45
C GLU A 150 9.66 3.31 -23.45
N SER A 151 9.49 4.59 -23.12
CA SER A 151 10.54 5.60 -23.11
C SER A 151 11.56 5.39 -21.95
N ASP A 152 12.73 6.01 -22.04
CA ASP A 152 13.86 5.68 -21.12
C ASP A 152 14.12 6.77 -20.05
N TYR A 153 13.69 6.50 -18.81
CA TYR A 153 13.68 7.54 -17.75
C TYR A 153 14.82 7.51 -16.72
N SER A 154 15.85 6.71 -17.00
CA SER A 154 17.02 6.64 -16.11
C SER A 154 17.54 8.03 -15.75
N GLY A 155 17.81 8.25 -14.46
CA GLY A 155 18.32 9.54 -13.97
C GLY A 155 17.39 10.74 -14.14
N GLN A 156 16.13 10.49 -14.50
CA GLN A 156 15.19 11.62 -14.63
C GLN A 156 14.13 11.70 -13.52
N GLY A 157 13.84 12.91 -13.09
CA GLY A 157 13.00 13.19 -11.90
C GLY A 157 13.63 12.70 -10.62
N VAL A 158 12.94 12.90 -9.51
CA VAL A 158 13.40 12.44 -8.19
C VAL A 158 12.99 10.95 -7.94
N ASP A 159 13.98 10.10 -7.72
CA ASP A 159 13.76 8.74 -7.26
C ASP A 159 13.51 8.67 -5.71
N GLN A 160 12.25 8.86 -5.30
CA GLN A 160 11.87 8.95 -3.90
C GLN A 160 12.26 7.68 -3.23
N LEU A 161 12.13 6.58 -3.94
CA LEU A 161 12.37 5.29 -3.29
C LEU A 161 13.84 4.92 -3.03
N GLN A 162 14.72 5.15 -4.01
CA GLN A 162 16.21 5.12 -3.77
C GLN A 162 16.61 6.18 -2.71
N ARG A 163 15.96 7.36 -2.71
CA ARG A 163 16.28 8.35 -1.68
C ARG A 163 16.03 7.77 -0.31
N VAL A 164 14.84 7.17 -0.11
CA VAL A 164 14.54 6.58 1.19
C VAL A 164 15.61 5.56 1.58
N ILE A 165 15.93 4.67 0.64
CA ILE A 165 16.91 3.62 0.96
C ILE A 165 18.38 4.24 1.26
N ASP A 166 18.78 5.21 0.45
CA ASP A 166 20.08 5.92 0.65
C ASP A 166 20.08 6.60 1.96
N THR A 167 18.99 7.28 2.36
CA THR A 167 18.97 7.95 3.69
C THR A 167 19.03 6.97 4.84
N ILE A 168 18.28 5.89 4.73
CA ILE A 168 18.40 4.92 5.78
C ILE A 168 19.86 4.49 5.99
N LYS A 169 20.61 4.40 4.91
CA LYS A 169 21.97 3.89 5.05
C LYS A 169 22.96 5.02 5.51
N THR A 170 22.73 6.27 5.09
CA THR A 170 23.57 7.38 5.43
C THR A 170 23.21 8.09 6.74
N ASN A 171 21.92 8.07 7.14
CA ASN A 171 21.56 8.61 8.42
C ASN A 171 20.28 7.97 8.97
N PRO A 172 20.43 6.83 9.65
CA PRO A 172 19.23 6.13 10.13
C PRO A 172 18.35 6.91 11.09
N ASP A 173 18.90 7.94 11.75
CA ASP A 173 18.17 8.72 12.73
C ASP A 173 17.33 9.76 12.05
N ASP A 174 17.52 9.96 10.75
CA ASP A 174 16.85 11.07 10.04
C ASP A 174 15.30 10.96 10.21
N ARG A 175 14.62 12.08 10.39
CA ARG A 175 13.16 12.13 10.57
C ARG A 175 12.40 12.42 9.24
N ARG A 176 13.13 12.45 8.14
CA ARG A 176 12.58 12.83 6.82
C ARG A 176 12.63 11.70 5.81
N ILE A 177 12.66 10.48 6.27
CA ILE A 177 12.74 9.31 5.36
C ILE A 177 11.28 9.05 4.93
N ILE A 178 10.82 9.86 3.99
CA ILE A 178 9.43 10.01 3.64
C ILE A 178 9.25 9.84 2.12
N MET A 179 8.29 8.99 1.73
CA MET A 179 7.97 8.80 0.29
C MET A 179 6.45 9.04 0.07
N CME A 180 6.06 9.70 -1.03
CA CME A 180 4.63 9.97 -1.30
CB CME A 180 4.36 11.44 -1.54
SG CME A 180 4.22 12.22 0.03
SD CME A 180 6.04 12.77 0.26
CE CME A 180 6.02 14.18 -0.79
CZ CME A 180 7.50 14.27 -0.92
OH CME A 180 7.88 15.51 -0.29
C CME A 180 4.06 9.39 -2.57
O CME A 180 4.79 9.32 -3.55
N ALA A 181 2.77 9.00 -2.53
CA ALA A 181 1.98 8.60 -3.71
C ALA A 181 0.80 9.57 -3.92
N TRP A 182 0.44 9.74 -5.19
CA TRP A 182 -0.73 10.48 -5.65
C TRP A 182 -1.80 9.55 -6.31
N ASN A 183 -3.04 9.94 -6.20
CA ASN A 183 -4.10 9.42 -7.05
C ASN A 183 -3.89 10.07 -8.46
N PRO A 184 -3.94 9.23 -9.52
CA PRO A 184 -3.80 9.64 -10.91
C PRO A 184 -4.73 10.77 -11.29
N ARG A 185 -5.87 10.92 -10.82
CA ARG A 185 -6.97 11.89 -10.99
C ARG A 185 -6.58 13.35 -10.65
N ASP A 186 -5.63 13.52 -9.74
CA ASP A 186 -5.30 14.84 -9.21
C ASP A 186 -4.12 15.47 -9.91
N LEU A 187 -3.64 14.77 -10.92
CA LEU A 187 -2.30 15.02 -11.43
C LEU A 187 -2.13 15.97 -12.59
N PRO A 188 -3.10 16.88 -12.85
CA PRO A 188 -2.55 18.10 -13.49
C PRO A 188 -1.12 18.43 -12.96
N LEU A 189 -0.92 18.45 -11.64
CA LEU A 189 0.43 18.49 -10.97
C LEU A 189 1.33 19.73 -11.19
N LYS A 190 0.89 20.67 -12.04
CA LYS A 190 1.35 22.06 -11.95
C LYS A 190 0.56 22.55 -10.72
N ALA A 191 -0.69 22.08 -10.60
CA ALA A 191 -1.62 22.50 -9.55
C ALA A 191 -1.10 22.40 -8.09
N LEU A 192 0.12 21.88 -7.93
CA LEU A 192 0.64 21.42 -6.63
C LEU A 192 -0.41 20.65 -5.82
N PRO A 193 -0.84 19.49 -6.36
CA PRO A 193 -1.96 18.74 -5.80
C PRO A 193 -1.44 18.00 -4.57
N PRO A 194 -2.31 17.84 -3.55
CA PRO A 194 -1.79 17.06 -2.43
C PRO A 194 -1.74 15.57 -2.72
N CSD A 195 -0.76 14.80 -2.11
CA CSD A 195 -0.56 13.37 -2.09
CB CSD A 195 0.74 13.07 -1.31
SG CSD A 195 0.39 12.99 0.32
C CSD A 195 -1.78 12.63 -1.56
O CSD A 195 -2.66 13.17 -0.90
OD1 CSD A 195 1.36 12.03 0.77
OD2 CSD A 195 0.17 14.26 1.03
N HIS A 196 -1.82 11.35 -1.87
CA HIS A 196 -2.88 10.55 -1.42
C HIS A 196 -2.39 9.77 -0.16
N ALA A 197 -1.11 9.41 -0.19
CA ALA A 197 -0.50 8.68 0.89
C ALA A 197 0.93 9.19 1.12
N LEU A 198 1.36 9.10 2.35
CA LEU A 198 2.73 9.48 2.67
C LEU A 198 3.21 8.31 3.50
N CYS A 199 4.28 7.74 3.27
CA CYS A 199 4.90 6.65 4.01
C CYS A 199 6.19 7.15 4.65
N GLN A 200 6.28 7.05 5.97
CA GLN A 200 7.47 7.57 6.69
C GLN A 200 8.18 6.39 7.31
N PHE A 201 9.48 6.20 7.00
CA PHE A 201 10.23 5.16 7.67
C PHE A 201 11.02 5.70 8.87
N TYR A 202 11.49 4.78 9.71
CA TYR A 202 12.08 5.07 10.98
C TYR A 202 12.99 3.89 11.34
N VAL A 203 14.17 4.23 11.89
CA VAL A 203 15.17 3.21 12.17
C VAL A 203 15.70 3.42 13.59
N VAL A 204 15.69 2.38 14.40
CA VAL A 204 16.38 2.44 15.71
C VAL A 204 16.71 0.99 16.06
N ASN A 205 17.91 0.75 16.64
CA ASN A 205 18.30 -0.59 17.10
C ASN A 205 18.23 -1.56 15.96
N SER A 206 18.69 -1.13 14.80
CA SER A 206 18.72 -2.07 13.72
C SER A 206 17.32 -2.51 13.22
N GLU A 207 16.23 -1.84 13.67
CA GLU A 207 14.87 -2.16 13.17
C GLU A 207 14.25 -1.11 12.27
N LEU A 208 13.73 -1.56 11.14
CA LEU A 208 13.01 -0.66 10.26
C LEU A 208 11.50 -0.64 10.57
N SER A 209 10.96 0.55 10.92
CA SER A 209 9.51 0.77 11.05
C SER A 209 8.96 1.67 9.93
N CYS A 210 7.63 1.61 9.68
CA CYS A 210 6.94 2.34 8.61
C CYS A 210 5.64 2.90 9.13
N GLN A 211 5.34 4.23 8.86
CA GLN A 211 4.04 4.76 9.13
C GLN A 211 3.44 5.21 7.76
N LEU A 212 2.25 4.68 7.43
CA LEU A 212 1.56 5.07 6.23
C LEU A 212 0.45 5.97 6.64
N TYR A 213 0.42 7.18 6.11
CA TYR A 213 -0.72 8.06 6.36
C TYR A 213 -1.53 8.13 5.07
N GLN A 214 -2.84 7.83 5.12
CA GLN A 214 -3.63 7.87 3.88
C GLN A 214 -4.69 8.88 4.08
N ARG A 215 -4.89 9.79 3.14
CA ARG A 215 -5.91 10.79 3.41
C ARG A 215 -7.32 10.24 3.44
N SER A 216 -7.53 9.06 2.84
CA SER A 216 -8.83 8.41 2.91
C SER A 216 -8.63 6.94 2.83
N GLY A 217 -9.43 6.20 3.56
CA GLY A 217 -9.17 4.78 3.50
C GLY A 217 -10.51 4.00 3.43
N ASP A 218 -10.55 3.03 2.53
CA ASP A 218 -11.73 2.23 2.28
C ASP A 218 -11.51 1.02 3.12
N MET A 219 -12.25 0.92 4.22
CA MET A 219 -11.92 -0.12 5.21
C MET A 219 -12.25 -1.51 4.76
N GLY A 220 -13.22 -1.63 3.84
CA GLY A 220 -13.63 -3.00 3.50
C GLY A 220 -12.67 -3.65 2.57
N LEU A 221 -12.22 -2.90 1.59
CA LEU A 221 -11.45 -3.46 0.52
C LEU A 221 -10.01 -2.94 0.46
N GLY A 222 -9.81 -1.62 0.47
CA GLY A 222 -8.45 -1.03 0.29
C GLY A 222 -7.53 -1.24 1.50
N VAL A 223 -8.06 -1.00 2.70
CA VAL A 223 -7.24 -1.10 3.89
C VAL A 223 -6.55 -2.44 4.09
N PRO A 224 -7.29 -3.61 4.03
CA PRO A 224 -6.52 -4.85 4.25
C PRO A 224 -5.38 -5.07 3.24
N PHE A 225 -5.60 -4.53 2.05
CA PHE A 225 -4.66 -4.59 0.94
C PHE A 225 -3.46 -3.66 1.16
N ASN A 226 -3.74 -2.41 1.52
CA ASN A 226 -2.70 -1.45 1.84
C ASN A 226 -1.81 -1.83 3.03
N ILE A 227 -2.36 -2.50 4.04
CA ILE A 227 -1.59 -3.05 5.13
C ILE A 227 -0.59 -4.07 4.65
N ALA A 228 -1.08 -5.05 3.89
CA ALA A 228 -0.16 -6.00 3.35
C ALA A 228 0.88 -5.36 2.44
N SER A 229 0.49 -4.41 1.62
CA SER A 229 1.33 -3.86 0.63
C SER A 229 2.55 -3.03 1.24
N TYR A 230 2.27 -2.12 2.14
CA TYR A 230 3.30 -1.36 2.81
C TYR A 230 4.04 -2.22 3.85
N ALA A 231 3.45 -3.30 4.35
CA ALA A 231 4.27 -4.09 5.25
C ALA A 231 5.23 -4.91 4.46
N LEU A 232 4.83 -5.25 3.22
CA LEU A 232 5.71 -5.90 2.28
C LEU A 232 6.91 -4.96 1.85
N LEU A 233 6.63 -3.73 1.41
CA LEU A 233 7.61 -2.71 1.14
C LEU A 233 8.60 -2.62 2.32
N THR A 234 8.11 -2.57 3.53
CA THR A 234 8.96 -2.52 4.67
C THR A 234 9.92 -3.69 4.82
N TYR A 235 9.42 -4.90 4.55
CA TYR A 235 10.27 -6.08 4.52
C TYR A 235 11.34 -5.99 3.46
N MET A 236 10.99 -5.51 2.26
CA MET A 236 11.92 -5.36 1.18
C MET A 236 13.01 -4.33 1.55
N ILE A 237 12.60 -3.14 1.96
CA ILE A 237 13.59 -2.16 2.29
C ILE A 237 14.49 -2.63 3.47
N ALA A 238 13.91 -3.29 4.48
CA ALA A 238 14.68 -3.78 5.61
C ALA A 238 15.69 -4.82 5.19
N HIS A 239 15.31 -5.60 4.20
CA HIS A 239 16.21 -6.63 3.74
C HIS A 239 17.43 -5.99 3.02
N ILE A 240 17.22 -5.07 2.10
CA ILE A 240 18.38 -4.60 1.40
C ILE A 240 19.25 -3.60 2.27
N THR A 241 18.79 -3.27 3.48
CA THR A 241 19.51 -2.30 4.29
C THR A 241 20.04 -2.97 5.53
N GLY A 242 19.90 -4.29 5.65
CA GLY A 242 20.42 -5.04 6.80
C GLY A 242 19.69 -4.78 8.10
N LEU A 243 18.42 -4.33 8.04
CA LEU A 243 17.63 -4.14 9.28
C LEU A 243 16.65 -5.29 9.49
N LYS A 244 16.08 -5.36 10.71
CA LYS A 244 14.97 -6.22 11.08
C LYS A 244 13.65 -5.41 10.97
N PRO A 245 12.58 -5.98 10.36
CA PRO A 245 11.34 -5.18 10.31
C PRO A 245 10.85 -4.96 11.71
N GLY A 246 10.25 -3.80 11.99
CA GLY A 246 9.80 -3.53 13.34
C GLY A 246 8.28 -3.43 13.41
N ASP A 247 7.77 -2.20 13.18
CA ASP A 247 6.34 -1.93 13.25
C ASP A 247 5.82 -1.27 11.99
N PHE A 248 4.56 -1.59 11.64
CA PHE A 248 3.83 -0.90 10.63
C PHE A 248 2.67 -0.21 11.30
N ILE A 249 2.58 1.11 11.11
CA ILE A 249 1.55 1.93 11.68
C ILE A 249 0.72 2.46 10.54
N HIS A 250 -0.58 2.30 10.65
CA HIS A 250 -1.47 2.70 9.57
C HIS A 250 -2.35 3.78 10.07
N THR A 251 -2.33 4.93 9.41
CA THR A 251 -3.04 6.09 9.95
C THR A 251 -3.91 6.62 8.83
N LEU A 252 -5.17 7.02 9.14
CA LEU A 252 -6.10 7.43 8.11
C LEU A 252 -6.60 8.75 8.39
N GLY A 253 -6.99 9.45 7.36
CA GLY A 253 -7.91 10.57 7.52
C GLY A 253 -9.36 10.09 7.54
N ASP A 254 -10.04 10.13 6.36
CA ASP A 254 -11.44 9.65 6.26
C ASP A 254 -11.41 8.12 6.13
N ALA A 255 -11.60 7.46 7.27
CA ALA A 255 -11.77 6.03 7.33
C ALA A 255 -13.26 5.74 7.04
N HIS A 256 -13.53 5.03 5.93
CA HIS A 256 -14.94 4.87 5.60
C HIS A 256 -15.31 3.45 5.23
N ILE A 257 -16.61 3.16 5.36
CA ILE A 257 -17.19 1.89 4.93
C ILE A 257 -18.30 2.16 3.86
N TYR A 258 -18.17 1.61 2.67
CA TYR A 258 -19.29 1.75 1.72
C TYR A 258 -20.56 1.10 2.22
N LEU A 259 -21.70 1.70 1.93
CA LEU A 259 -22.99 1.17 2.36
C LEU A 259 -23.14 -0.30 1.95
N ASN A 260 -22.65 -0.63 0.77
CA ASN A 260 -22.73 -2.00 0.26
C ASN A 260 -21.62 -2.88 0.81
N HIS A 261 -21.12 -2.54 1.99
CA HIS A 261 -20.06 -3.30 2.62
C HIS A 261 -20.33 -3.50 4.11
N ILE A 262 -21.49 -3.05 4.55
CA ILE A 262 -21.87 -3.17 5.96
C ILE A 262 -22.20 -4.59 6.38
N GLU A 263 -23.09 -5.29 5.63
CA GLU A 263 -23.50 -6.65 6.07
C GLU A 263 -22.35 -7.59 5.95
N PRO A 264 -21.60 -7.59 4.82
CA PRO A 264 -20.51 -8.57 4.88
C PRO A 264 -19.51 -8.26 6.00
N LEU A 265 -19.24 -6.97 6.28
CA LEU A 265 -18.32 -6.61 7.37
C LEU A 265 -18.86 -7.03 8.73
N LYS A 266 -20.18 -6.86 8.92
CA LYS A 266 -20.86 -7.37 10.13
C LYS A 266 -20.61 -8.84 10.35
N ILE A 267 -20.55 -9.58 9.28
CA ILE A 267 -20.29 -11.00 9.43
C ILE A 267 -18.80 -11.26 9.66
N GLN A 268 -17.94 -10.52 8.95
CA GLN A 268 -16.50 -10.67 9.23
C GLN A 268 -16.18 -10.44 10.72
N LEU A 269 -16.83 -9.49 11.35
CA LEU A 269 -16.65 -9.22 12.78
C LEU A 269 -16.88 -10.36 13.72
N GLN A 270 -17.55 -11.42 13.26
CA GLN A 270 -17.88 -12.56 14.15
C GLN A 270 -16.79 -13.62 14.09
N ARG A 271 -15.81 -13.41 13.22
CA ARG A 271 -14.73 -14.38 13.06
C ARG A 271 -13.53 -14.02 13.97
N GLU A 272 -12.97 -15.06 14.53
CA GLU A 272 -11.88 -14.95 15.45
C GLU A 272 -10.60 -14.98 14.63
N PRO A 273 -9.75 -13.93 14.79
CA PRO A 273 -8.47 -13.87 14.08
C PRO A 273 -7.62 -15.08 14.42
N ARG A 274 -6.80 -15.50 13.48
CA ARG A 274 -5.84 -16.55 13.70
C ARG A 274 -4.43 -15.94 13.68
N PRO A 275 -3.45 -16.58 14.36
CA PRO A 275 -2.07 -16.12 14.28
C PRO A 275 -1.68 -15.69 12.85
N PHE A 276 -0.97 -14.57 12.73
CA PHE A 276 -0.56 -14.07 11.41
C PHE A 276 0.41 -15.04 10.72
N PRO A 277 0.46 -15.05 9.40
CA PRO A 277 1.47 -15.87 8.74
C PRO A 277 2.92 -15.31 8.91
N LYS A 278 3.89 -15.89 8.18
CA LYS A 278 5.26 -15.36 8.12
C LYS A 278 5.57 -15.06 6.68
N LEU A 279 6.45 -14.08 6.49
CA LEU A 279 6.95 -13.75 5.19
C LEU A 279 8.43 -14.08 5.18
N ARG A 280 8.87 -14.91 4.23
CA ARG A 280 10.25 -15.36 4.17
C ARG A 280 10.79 -14.86 2.83
N ILE A 281 11.97 -14.24 2.85
CA ILE A 281 12.62 -13.83 1.63
C ILE A 281 13.62 -14.93 1.23
N LEU A 282 13.52 -15.44 0.00
CA LEU A 282 14.18 -16.71 -0.34
C LEU A 282 15.68 -16.62 -0.68
N ARG A 283 16.15 -15.47 -1.21
CA ARG A 283 17.59 -15.31 -1.51
C ARG A 283 18.09 -13.91 -1.07
N LYS A 284 19.40 -13.68 -1.14
CA LYS A 284 19.97 -12.43 -0.64
C LYS A 284 19.89 -11.44 -1.77
N VAL A 285 19.07 -10.40 -1.58
CA VAL A 285 18.94 -9.36 -2.59
C VAL A 285 19.64 -8.04 -2.15
N GLU A 286 20.31 -7.40 -3.11
CA GLU A 286 21.11 -6.20 -2.87
C GLU A 286 20.44 -4.89 -3.32
N LYS A 287 19.65 -4.92 -4.39
CA LYS A 287 19.01 -3.70 -4.93
C LYS A 287 17.47 -3.87 -4.99
N ILE A 288 16.74 -2.78 -4.68
CA ILE A 288 15.29 -2.84 -4.64
C ILE A 288 14.73 -3.29 -6.02
N ASP A 289 15.41 -2.91 -7.12
CA ASP A 289 14.97 -3.30 -8.46
C ASP A 289 15.12 -4.80 -8.81
N ASP A 290 15.96 -5.54 -8.08
CA ASP A 290 16.24 -6.95 -8.37
C ASP A 290 15.24 -7.96 -7.74
N PHE A 291 14.27 -7.47 -7.00
CA PHE A 291 13.33 -8.37 -6.36
C PHE A 291 12.36 -8.92 -7.41
N LYS A 292 12.02 -10.20 -7.29
CA LYS A 292 11.11 -10.86 -8.23
C LYS A 292 10.06 -11.58 -7.42
N ALA A 293 8.88 -11.80 -8.00
CA ALA A 293 7.77 -12.42 -7.27
C ALA A 293 8.17 -13.78 -6.64
N GLU A 294 9.05 -14.50 -7.32
CA GLU A 294 9.49 -15.80 -6.83
C GLU A 294 10.41 -15.74 -5.60
N ASP A 295 10.94 -14.55 -5.26
CA ASP A 295 11.76 -14.40 -4.05
C ASP A 295 10.98 -14.50 -2.76
N PHE A 296 9.66 -14.44 -2.86
CA PHE A 296 8.83 -14.36 -1.64
C PHE A 296 8.01 -15.57 -1.33
N GLN A 297 7.91 -15.88 -0.04
CA GLN A 297 7.10 -17.00 0.38
C GLN A 297 6.38 -16.71 1.69
N ILE A 298 5.05 -16.71 1.63
CA ILE A 298 4.18 -16.75 2.79
C ILE A 298 4.06 -18.16 3.41
N GLU A 299 4.09 -18.25 4.75
CA GLU A 299 4.02 -19.53 5.41
C GLU A 299 3.03 -19.48 6.54
N GLY A 300 2.28 -20.55 6.72
CA GLY A 300 1.35 -20.65 7.87
C GLY A 300 0.19 -19.68 7.78
N TYR A 301 -0.18 -19.35 6.55
CA TYR A 301 -1.34 -18.53 6.32
C TYR A 301 -2.66 -19.38 6.25
N ASN A 302 -3.51 -19.25 7.27
CA ASN A 302 -4.87 -19.88 7.26
C ASN A 302 -5.97 -18.93 7.62
N PRO A 303 -6.44 -18.21 6.59
CA PRO A 303 -7.48 -17.25 6.75
C PRO A 303 -8.85 -17.93 6.74
N HIS A 304 -9.83 -17.13 7.16
CA HIS A 304 -11.19 -17.49 7.05
C HIS A 304 -11.45 -17.29 5.55
N PRO A 305 -12.65 -17.65 5.07
CA PRO A 305 -12.82 -17.65 3.62
C PRO A 305 -12.94 -16.23 3.03
N THR A 306 -12.71 -16.16 1.72
CA THR A 306 -12.86 -14.95 0.98
C THR A 306 -14.20 -14.32 1.24
N ILE A 307 -14.20 -13.00 1.38
CA ILE A 307 -15.40 -12.22 1.34
C ILE A 307 -15.41 -11.44 0.09
N LYS A 308 -16.49 -11.50 -0.66
CA LYS A 308 -16.56 -10.66 -1.83
C LYS A 308 -17.25 -9.35 -1.49
N MET A 309 -16.65 -8.24 -1.94
CA MET A 309 -17.18 -6.91 -1.66
C MET A 309 -17.15 -6.06 -2.91
N GLU A 310 -18.29 -5.44 -3.22
CA GLU A 310 -18.42 -4.61 -4.44
C GLU A 310 -17.76 -3.23 -4.33
C13 TIY B . 7.95 19.70 -2.89
C15 TIY B . 8.26 20.13 -4.17
O01 TIY B . 7.65 20.46 -6.44
C02 TIY B . 7.33 20.03 -5.19
C03 TIY B . 6.07 19.52 -4.97
C04 TIY B . 5.76 19.10 -3.69
C05 TIY B . 4.50 18.51 -3.26
C06 TIY B . 3.40 18.24 -3.94
C07 TIY B . 3.13 18.47 -5.35
C08 TIY B . 3.92 19.02 -6.28
C09 TIY B . 5.17 19.49 -6.17
O10 TIY B . 5.66 19.92 -7.19
O11 TIY B . 3.42 19.13 -7.51
C12 TIY B . 6.69 19.18 -2.66
O14 TIY B . 8.85 19.77 -1.88
O16 TIY B . 9.48 20.66 -4.47
S SO4 C . 13.14 17.42 11.86
O1 SO4 C . 14.26 16.73 11.23
O2 SO4 C . 11.87 16.66 11.85
O3 SO4 C . 12.85 18.71 11.24
O4 SO4 C . 13.44 17.65 13.27
S SO4 D . -11.40 -19.32 -0.16
O1 SO4 D . -10.13 -18.81 0.31
O2 SO4 D . -11.39 -20.67 0.40
O3 SO4 D . -11.56 -19.21 -1.61
O4 SO4 D . -12.53 -18.58 0.38
#